data_7DGC
#
_entry.id   7DGC
#
_cell.length_a   119.052
_cell.length_b   119.052
_cell.length_c   39.809
_cell.angle_alpha   90.000
_cell.angle_beta   90.000
_cell.angle_gamma   120.000
#
_symmetry.space_group_name_H-M   'P 61'
#
loop_
_entity.id
_entity.type
_entity.pdbx_description
1 polymer 'Guanosine deaminase'
2 non-polymer 9-[(2R,3R,4R)-5-(hydroxymethyl)-3-methoxy-4-oxidanyl-oxolan-2-yl]-3H-purine-2,6-dione
3 non-polymer 'ZINC ION'
4 non-polymer 'SODIUM ION'
5 water water
#
_entity_poly.entity_id   1
_entity_poly.type   'polypeptide(L)'
_entity_poly.pdbx_seq_one_letter_code
;GPHMSDHKFLTQAVEEAYKGVDCGDGGPFGAVIVHNNEVVASCHNMVLKYTDPTAHAEVTAIREACKKLNKIELSECEIY
ASCEPCPMCFGAIHLSRLKRLVYGAKAEAAIAIGFDDFIADALRGTGVYQKSSLEIKKADGNGAAIAEQVFQNTKEKFRL
Y
;
_entity_poly.pdbx_strand_id   A,D
#
# COMPACT_ATOMS: atom_id res chain seq x y z
N SER A 5 10.52 -23.11 12.71
CA SER A 5 9.66 -23.07 11.53
C SER A 5 9.81 -21.75 10.77
N ASP A 6 10.40 -20.75 11.45
CA ASP A 6 10.60 -19.45 10.81
C ASP A 6 11.53 -19.56 9.61
N HIS A 7 12.63 -20.31 9.75
CA HIS A 7 13.60 -20.42 8.67
C HIS A 7 12.98 -21.04 7.42
N LYS A 8 12.10 -22.02 7.59
CA LYS A 8 11.48 -22.69 6.45
C LYS A 8 10.64 -21.72 5.63
N PHE A 9 9.76 -20.96 6.29
CA PHE A 9 8.88 -20.05 5.56
C PHE A 9 9.65 -18.85 5.00
N LEU A 10 10.68 -18.37 5.72
CA LEU A 10 11.51 -17.30 5.17
C LEU A 10 12.25 -17.78 3.93
N THR A 11 12.76 -19.00 3.96
CA THR A 11 13.41 -19.58 2.78
C THR A 11 12.41 -19.72 1.64
N GLN A 12 11.16 -20.06 1.95
CA GLN A 12 10.14 -20.13 0.90
C GLN A 12 9.88 -18.76 0.27
N ALA A 13 9.87 -17.71 1.09
CA ALA A 13 9.71 -16.36 0.53
C ALA A 13 10.90 -15.99 -0.36
N VAL A 14 12.11 -16.38 0.04
CA VAL A 14 13.29 -16.12 -0.78
C VAL A 14 13.20 -16.88 -2.09
N GLU A 15 12.75 -18.14 -2.04
CA GLU A 15 12.54 -18.93 -3.25
C GLU A 15 11.51 -18.26 -4.15
N GLU A 16 10.46 -17.69 -3.57
CA GLU A 16 9.49 -16.94 -4.35
C GLU A 16 10.15 -15.75 -5.04
N ALA A 17 11.03 -15.04 -4.34
CA ALA A 17 11.75 -13.93 -4.96
C ALA A 17 12.54 -14.40 -6.18
N TYR A 18 13.30 -15.48 -6.02
CA TYR A 18 14.08 -16.01 -7.13
C TYR A 18 13.19 -16.42 -8.29
N LYS A 19 12.07 -17.09 -7.99
CA LYS A 19 11.15 -17.53 -9.04
C LYS A 19 10.57 -16.34 -9.79
N GLY A 20 10.19 -15.29 -9.06
CA GLY A 20 9.63 -14.12 -9.71
C GLY A 20 10.62 -13.41 -10.61
N VAL A 21 11.89 -13.38 -10.18
CA VAL A 21 12.91 -12.80 -11.05
C VAL A 21 13.12 -13.66 -12.29
N ASP A 22 13.11 -14.99 -12.13
CA ASP A 22 13.28 -15.88 -13.27
C ASP A 22 12.13 -15.73 -14.26
N CYS A 23 10.90 -15.60 -13.75
CA CYS A 23 9.72 -15.47 -14.61
C CYS A 23 9.66 -14.12 -15.32
N GLY A 24 10.35 -13.12 -14.80
CA GLY A 24 10.14 -11.76 -15.27
C GLY A 24 8.89 -11.13 -14.71
N ASP A 25 8.30 -11.73 -13.67
CA ASP A 25 7.11 -11.15 -13.05
C ASP A 25 7.40 -9.81 -12.39
N GLY A 26 8.58 -9.66 -11.81
CA GLY A 26 8.94 -8.44 -11.12
C GLY A 26 10.32 -8.50 -10.50
N GLY A 27 10.49 -7.84 -9.36
CA GLY A 27 11.78 -7.79 -8.69
C GLY A 27 11.99 -8.95 -7.74
N PRO A 28 13.18 -9.02 -7.14
CA PRO A 28 13.53 -10.14 -6.24
C PRO A 28 12.98 -9.94 -4.83
N PHE A 29 11.67 -10.13 -4.70
CA PHE A 29 10.99 -10.00 -3.42
C PHE A 29 9.90 -11.05 -3.33
N GLY A 30 9.83 -11.72 -2.17
CA GLY A 30 8.83 -12.73 -1.94
C GLY A 30 8.14 -12.51 -0.60
N ALA A 31 7.01 -13.20 -0.45
CA ALA A 31 6.21 -13.07 0.78
C ALA A 31 5.35 -14.32 0.94
N VAL A 32 5.36 -14.86 2.16
CA VAL A 32 4.60 -16.06 2.48
C VAL A 32 3.76 -15.78 3.71
N ILE A 33 2.45 -15.97 3.59
CA ILE A 33 1.52 -15.81 4.70
C ILE A 33 1.07 -17.20 5.14
N VAL A 34 1.20 -17.47 6.44
CA VAL A 34 0.91 -18.78 7.01
C VAL A 34 -0.09 -18.63 8.14
N HIS A 35 -0.79 -19.73 8.43
CA HIS A 35 -1.74 -19.83 9.53
C HIS A 35 -1.40 -21.09 10.33
N ASN A 36 -0.61 -20.92 11.38
CA ASN A 36 -0.18 -22.03 12.24
C ASN A 36 0.45 -23.15 11.42
N ASN A 37 1.54 -22.81 10.74
CA ASN A 37 2.37 -23.71 9.95
C ASN A 37 1.70 -24.20 8.67
N GLU A 38 0.54 -23.67 8.31
CA GLU A 38 -0.10 -23.99 7.04
C GLU A 38 -0.01 -22.76 6.14
N VAL A 39 0.63 -22.93 4.98
CA VAL A 39 0.82 -21.81 4.06
C VAL A 39 -0.53 -21.38 3.51
N VAL A 40 -0.90 -20.12 3.74
CA VAL A 40 -2.11 -19.56 3.16
C VAL A 40 -1.83 -18.92 1.81
N ALA A 41 -0.68 -18.25 1.67
CA ALA A 41 -0.33 -17.62 0.41
C ALA A 41 1.18 -17.60 0.25
N SER A 42 1.63 -17.73 -1.00
CA SER A 42 3.06 -17.69 -1.33
C SER A 42 3.19 -16.90 -2.63
N CYS A 43 3.81 -15.72 -2.56
CA CYS A 43 3.75 -14.77 -3.66
C CYS A 43 5.12 -14.13 -3.84
N HIS A 44 5.29 -13.50 -4.99
CA HIS A 44 6.45 -12.66 -5.26
C HIS A 44 5.98 -11.37 -5.91
N ASN A 45 6.91 -10.45 -6.13
CA ASN A 45 6.59 -9.18 -6.75
C ASN A 45 6.01 -9.40 -8.15
N MET A 46 4.89 -8.74 -8.43
CA MET A 46 4.20 -8.87 -9.71
C MET A 46 4.02 -7.52 -10.40
N VAL A 47 4.93 -6.57 -10.13
CA VAL A 47 4.76 -5.22 -10.66
C VAL A 47 4.83 -5.23 -12.18
N LEU A 48 5.81 -5.93 -12.74
CA LEU A 48 5.95 -5.96 -14.19
C LEU A 48 4.90 -6.85 -14.85
N LYS A 49 4.55 -7.97 -14.20
CA LYS A 49 3.55 -8.86 -14.76
C LYS A 49 2.17 -8.22 -14.82
N TYR A 50 1.78 -7.53 -13.75
CA TYR A 50 0.45 -6.96 -13.63
C TYR A 50 0.36 -5.51 -14.13
N THR A 51 1.49 -4.90 -14.50
CA THR A 51 1.56 -3.45 -14.74
C THR A 51 0.92 -2.69 -13.59
N ASP A 52 1.39 -2.99 -12.38
CA ASP A 52 0.79 -2.49 -11.16
C ASP A 52 1.90 -2.19 -10.15
N PRO A 53 2.22 -0.91 -9.91
CA PRO A 53 3.28 -0.58 -8.95
C PRO A 53 2.92 -0.92 -7.51
N THR A 54 1.65 -1.17 -7.22
CA THR A 54 1.26 -1.62 -5.88
C THR A 54 1.38 -3.12 -5.71
N ALA A 55 1.69 -3.85 -6.79
CA ALA A 55 1.73 -5.31 -6.74
C ALA A 55 3.05 -5.82 -6.18
N HIS A 56 3.46 -5.30 -5.02
CA HIS A 56 4.61 -5.85 -4.33
C HIS A 56 4.30 -7.26 -3.84
N ALA A 57 5.36 -7.97 -3.43
CA ALA A 57 5.18 -9.34 -2.94
C ALA A 57 4.26 -9.38 -1.73
N GLU A 58 4.44 -8.46 -0.78
CA GLU A 58 3.65 -8.48 0.44
C GLU A 58 2.19 -8.13 0.17
N VAL A 59 1.95 -7.11 -0.64
CA VAL A 59 0.57 -6.74 -0.98
C VAL A 59 -0.11 -7.89 -1.73
N THR A 60 0.60 -8.52 -2.65
CA THR A 60 0.03 -9.64 -3.41
C THR A 60 -0.32 -10.79 -2.48
N ALA A 61 0.58 -11.12 -1.56
CA ALA A 61 0.32 -12.17 -0.59
C ALA A 61 -0.89 -11.83 0.28
N ILE A 62 -1.02 -10.56 0.67
CA ILE A 62 -2.15 -10.17 1.50
C ILE A 62 -3.46 -10.32 0.74
N ARG A 63 -3.49 -9.85 -0.52
CA ARG A 63 -4.68 -10.01 -1.34
C ARG A 63 -5.07 -11.47 -1.47
N GLU A 64 -4.09 -12.33 -1.81
CA GLU A 64 -4.40 -13.73 -2.06
C GLU A 64 -4.82 -14.45 -0.79
N ALA A 65 -4.19 -14.13 0.35
CA ALA A 65 -4.59 -14.74 1.61
C ALA A 65 -5.99 -14.32 2.01
N CYS A 66 -6.31 -13.03 1.83
CA CYS A 66 -7.65 -12.56 2.16
C CYS A 66 -8.70 -13.19 1.26
N LYS A 67 -8.36 -13.43 -0.02
CA LYS A 67 -9.26 -14.17 -0.89
C LYS A 67 -9.43 -15.62 -0.44
N LYS A 68 -8.34 -16.25 -0.02
CA LYS A 68 -8.40 -17.65 0.38
C LYS A 68 -9.24 -17.83 1.64
N LEU A 69 -9.10 -16.94 2.61
CA LEU A 69 -9.80 -17.06 3.87
C LEU A 69 -11.16 -16.38 3.89
N ASN A 70 -11.54 -15.71 2.80
CA ASN A 70 -12.86 -15.08 2.66
C ASN A 70 -13.10 -14.01 3.73
N LYS A 71 -12.06 -13.23 4.03
CA LYS A 71 -12.19 -12.14 4.99
C LYS A 71 -11.08 -11.14 4.76
N ILE A 72 -11.27 -9.92 5.29
CA ILE A 72 -10.35 -8.81 5.05
C ILE A 72 -9.34 -8.63 6.17
N GLU A 73 -9.37 -9.48 7.21
CA GLU A 73 -8.41 -9.41 8.29
C GLU A 73 -7.74 -10.76 8.45
N LEU A 74 -6.44 -10.73 8.78
CA LEU A 74 -5.66 -11.95 8.96
C LEU A 74 -5.04 -11.98 10.35
N SER A 75 -5.87 -11.80 11.38
CA SER A 75 -5.38 -11.70 12.75
C SER A 75 -4.75 -12.99 13.24
N GLU A 76 -5.09 -14.13 12.65
CA GLU A 76 -4.54 -15.42 13.05
C GLU A 76 -3.35 -15.85 12.21
N CYS A 77 -2.88 -15.01 11.30
CA CYS A 77 -1.84 -15.37 10.35
C CYS A 77 -0.57 -14.57 10.61
N GLU A 78 0.54 -15.09 10.08
CA GLU A 78 1.83 -14.40 10.14
C GLU A 78 2.38 -14.27 8.72
N ILE A 79 3.24 -13.28 8.53
CA ILE A 79 3.81 -12.99 7.22
C ILE A 79 5.33 -13.05 7.29
N TYR A 80 5.93 -13.66 6.28
CA TYR A 80 7.37 -13.76 6.12
C TYR A 80 7.75 -13.06 4.82
N ALA A 81 8.56 -12.01 4.93
CA ALA A 81 9.02 -11.26 3.77
C ALA A 81 10.50 -11.50 3.55
N SER A 82 10.89 -11.71 2.29
CA SER A 82 12.30 -11.91 1.98
C SER A 82 13.12 -10.66 2.27
N CYS A 83 12.50 -9.49 2.12
CA CYS A 83 13.17 -8.22 2.39
C CYS A 83 12.26 -7.36 3.26
N GLU A 84 12.88 -6.41 3.97
CA GLU A 84 12.16 -5.50 4.84
C GLU A 84 11.05 -4.78 4.07
N PRO A 85 9.79 -4.93 4.47
CA PRO A 85 8.69 -4.34 3.70
C PRO A 85 8.77 -2.82 3.65
N CYS A 86 8.38 -2.27 2.49
CA CYS A 86 8.39 -0.84 2.26
C CYS A 86 7.25 -0.17 3.02
N PRO A 87 7.21 1.17 3.07
CA PRO A 87 6.09 1.86 3.74
C PRO A 87 4.71 1.44 3.27
N MET A 88 4.50 1.32 1.95
CA MET A 88 3.20 0.88 1.46
C MET A 88 2.88 -0.53 1.96
N CYS A 89 3.85 -1.42 1.92
CA CYS A 89 3.62 -2.80 2.32
C CYS A 89 3.43 -2.90 3.83
N PHE A 90 4.17 -2.12 4.61
CA PHE A 90 3.97 -2.15 6.06
C PHE A 90 2.61 -1.56 6.42
N GLY A 91 2.15 -0.54 5.69
CA GLY A 91 0.79 -0.05 5.90
C GLY A 91 -0.25 -1.09 5.57
N ALA A 92 -0.04 -1.85 4.48
CA ALA A 92 -0.96 -2.94 4.15
C ALA A 92 -0.95 -4.01 5.23
N ILE A 93 0.23 -4.31 5.78
CA ILE A 93 0.34 -5.30 6.85
C ILE A 93 -0.40 -4.84 8.09
N HIS A 94 -0.31 -3.54 8.40
CA HIS A 94 -1.07 -3.00 9.53
C HIS A 94 -2.57 -3.11 9.28
N LEU A 95 -3.01 -2.75 8.08
CA LEU A 95 -4.44 -2.79 7.78
C LEU A 95 -4.98 -4.22 7.80
N SER A 96 -4.20 -5.19 7.35
CA SER A 96 -4.63 -6.58 7.34
C SER A 96 -4.62 -7.22 8.72
N ARG A 97 -4.09 -6.53 9.73
CA ARG A 97 -4.07 -7.00 11.12
C ARG A 97 -3.31 -8.31 11.28
N LEU A 98 -2.30 -8.54 10.44
CA LEU A 98 -1.42 -9.69 10.64
C LEU A 98 -0.72 -9.59 11.99
N LYS A 99 -0.62 -10.71 12.70
CA LYS A 99 -0.14 -10.68 14.08
C LYS A 99 1.38 -10.69 14.19
N ARG A 100 2.10 -11.06 13.12
CA ARG A 100 3.55 -11.15 13.21
C ARG A 100 4.15 -11.00 11.82
N LEU A 101 5.28 -10.29 11.76
CA LEU A 101 6.06 -10.15 10.54
C LEU A 101 7.49 -10.59 10.82
N VAL A 102 8.01 -11.46 9.95
CA VAL A 102 9.39 -11.90 10.00
C VAL A 102 10.02 -11.56 8.65
N TYR A 103 11.03 -10.70 8.66
CA TYR A 103 11.68 -10.32 7.42
C TYR A 103 13.14 -10.69 7.43
N GLY A 104 13.68 -11.00 6.25
CA GLY A 104 15.01 -11.55 6.13
C GLY A 104 16.12 -10.53 6.00
N ALA A 105 16.07 -9.69 4.98
CA ALA A 105 17.14 -8.74 4.68
C ALA A 105 16.69 -7.32 4.98
N LYS A 106 17.64 -6.51 5.46
CA LYS A 106 17.38 -5.09 5.65
C LYS A 106 17.22 -4.39 4.31
N ALA A 107 16.47 -3.29 4.32
CA ALA A 107 16.18 -2.58 3.07
C ALA A 107 17.46 -2.05 2.41
N GLU A 108 18.50 -1.82 3.20
CA GLU A 108 19.76 -1.33 2.63
C GLU A 108 20.35 -2.32 1.63
N ALA A 109 20.10 -3.62 1.82
CA ALA A 109 20.57 -4.60 0.85
C ALA A 109 19.91 -4.41 -0.51
N ALA A 110 18.62 -4.10 -0.52
CA ALA A 110 17.93 -3.81 -1.78
C ALA A 110 18.37 -2.48 -2.36
N ILE A 111 18.60 -1.48 -1.50
CA ILE A 111 19.06 -0.18 -1.97
C ILE A 111 20.42 -0.30 -2.65
N ALA A 112 21.29 -1.17 -2.11
CA ALA A 112 22.65 -1.27 -2.62
C ALA A 112 22.72 -1.75 -4.07
N ILE A 113 21.65 -2.32 -4.60
CA ILE A 113 21.65 -2.82 -5.97
C ILE A 113 20.77 -1.96 -6.88
N GLY A 114 20.38 -0.78 -6.44
CA GLY A 114 19.74 0.19 -7.30
C GLY A 114 18.30 0.55 -6.96
N PHE A 115 17.71 0.01 -5.89
CA PHE A 115 16.34 0.38 -5.56
C PHE A 115 16.32 1.68 -4.76
N ASP A 116 15.15 2.33 -4.78
CA ASP A 116 14.99 3.60 -4.08
C ASP A 116 15.13 3.42 -2.57
N ASP A 117 15.66 4.43 -1.92
CA ASP A 117 15.66 4.51 -0.46
C ASP A 117 14.23 4.80 0.00
N PHE A 118 13.52 3.77 0.47
CA PHE A 118 12.08 3.84 0.72
C PHE A 118 11.81 2.93 1.92
N ILE A 119 12.01 3.48 3.12
CA ILE A 119 12.03 2.72 4.36
C ILE A 119 10.89 3.17 5.26
N ALA A 120 10.21 2.21 5.88
CA ALA A 120 9.07 2.49 6.74
C ALA A 120 9.54 2.85 8.15
N ASP A 121 9.15 4.04 8.61
CA ASP A 121 9.51 4.46 9.96
C ASP A 121 8.83 3.60 11.02
N ALA A 122 7.56 3.23 10.79
CA ALA A 122 6.82 2.47 11.78
C ALA A 122 7.44 1.10 12.01
N LEU A 123 8.08 0.52 11.00
CA LEU A 123 8.73 -0.77 11.17
C LEU A 123 9.98 -0.63 12.05
N ARG A 124 10.78 0.41 11.81
CA ARG A 124 12.02 0.61 12.54
C ARG A 124 11.80 1.31 13.88
N GLY A 125 10.57 1.69 14.21
CA GLY A 125 10.30 2.31 15.50
C GLY A 125 10.55 3.79 15.56
N THR A 126 10.63 4.48 14.41
CA THR A 126 10.83 5.92 14.37
C THR A 126 9.58 6.66 13.89
N GLY A 127 8.42 6.01 13.89
CA GLY A 127 7.21 6.66 13.44
C GLY A 127 6.58 7.51 14.54
N VAL A 128 6.00 8.62 14.13
CA VAL A 128 5.33 9.54 15.04
C VAL A 128 3.81 9.43 14.92
N TYR A 129 3.29 9.49 13.69
CA TYR A 129 1.85 9.36 13.48
C TYR A 129 1.43 7.92 13.26
N GLN A 130 2.31 7.09 12.69
CA GLN A 130 2.05 5.67 12.50
C GLN A 130 2.85 4.88 13.51
N LYS A 131 2.15 4.13 14.36
CA LYS A 131 2.78 3.31 15.38
C LYS A 131 2.34 1.87 15.19
N SER A 132 3.31 0.96 15.06
CA SER A 132 3.00 -0.45 14.85
C SER A 132 2.68 -1.14 16.17
N SER A 133 1.84 -2.17 16.08
CA SER A 133 1.52 -3.02 17.22
C SER A 133 1.94 -4.47 17.04
N LEU A 134 2.16 -4.92 15.81
CA LEU A 134 2.46 -6.32 15.55
C LEU A 134 3.89 -6.66 15.93
N GLU A 135 4.10 -7.93 16.26
CA GLU A 135 5.44 -8.43 16.54
C GLU A 135 6.27 -8.43 15.25
N ILE A 136 7.53 -8.01 15.37
CA ILE A 136 8.42 -7.89 14.22
C ILE A 136 9.74 -8.58 14.55
N LYS A 137 10.18 -9.46 13.66
CA LYS A 137 11.44 -10.18 13.83
C LYS A 137 12.28 -10.02 12.58
N LYS A 138 13.48 -9.46 12.75
CA LYS A 138 14.48 -9.43 11.70
C LYS A 138 15.31 -10.70 11.77
N ALA A 139 15.47 -11.37 10.63
CA ALA A 139 16.14 -12.66 10.61
C ALA A 139 17.62 -12.53 10.94
N ASP A 140 18.17 -13.59 11.54
CA ASP A 140 19.58 -13.66 11.88
C ASP A 140 20.21 -14.91 11.28
N GLY A 141 21.53 -14.91 11.23
CA GLY A 141 22.26 -16.12 10.86
C GLY A 141 22.01 -16.53 9.42
N ASN A 142 21.62 -17.79 9.23
CA ASN A 142 21.51 -18.35 7.90
C ASN A 142 20.38 -17.71 7.11
N GLY A 143 19.25 -17.42 7.76
CA GLY A 143 18.17 -16.74 7.07
C GLY A 143 18.57 -15.36 6.58
N ALA A 144 19.26 -14.60 7.44
CA ALA A 144 19.76 -13.29 7.02
C ALA A 144 20.74 -13.41 5.86
N ALA A 145 21.64 -14.40 5.93
CA ALA A 145 22.62 -14.60 4.85
C ALA A 145 21.91 -14.89 3.53
N ILE A 146 20.92 -15.79 3.56
CA ILE A 146 20.18 -16.13 2.35
C ILE A 146 19.47 -14.91 1.78
N ALA A 147 18.74 -14.20 2.64
CA ALA A 147 17.95 -13.06 2.18
C ALA A 147 18.84 -11.96 1.62
N GLU A 148 20.01 -11.74 2.23
CA GLU A 148 20.94 -10.74 1.71
C GLU A 148 21.56 -11.19 0.39
N GLN A 149 21.86 -12.50 0.28
CA GLN A 149 22.45 -13.02 -0.94
C GLN A 149 21.50 -12.90 -2.13
N VAL A 150 20.20 -12.88 -1.86
CA VAL A 150 19.21 -12.74 -2.94
C VAL A 150 19.58 -11.61 -3.88
N PHE A 151 19.94 -10.45 -3.33
CA PHE A 151 20.16 -9.27 -4.16
C PHE A 151 21.49 -9.33 -4.91
N GLN A 152 22.52 -9.93 -4.33
CA GLN A 152 23.77 -10.12 -5.06
C GLN A 152 23.60 -11.13 -6.20
N ASN A 153 22.75 -12.15 -6.00
CA ASN A 153 22.57 -13.17 -7.01
C ASN A 153 21.65 -12.74 -8.14
N THR A 154 20.74 -11.79 -7.90
CA THR A 154 19.77 -11.36 -8.89
C THR A 154 20.14 -10.05 -9.57
N LYS A 155 21.32 -9.50 -9.26
CA LYS A 155 21.76 -8.26 -9.91
C LYS A 155 21.78 -8.42 -11.41
N GLU A 156 21.14 -7.49 -12.11
CA GLU A 156 21.03 -7.45 -13.58
C GLU A 156 20.38 -8.72 -14.14
N LYS A 157 19.55 -9.39 -13.35
CA LYS A 157 18.69 -10.45 -13.84
C LYS A 157 17.27 -9.96 -14.08
N PHE A 158 17.00 -8.69 -13.79
CA PHE A 158 15.66 -8.14 -13.88
C PHE A 158 15.75 -6.66 -14.23
N ARG A 159 14.61 -6.08 -14.59
CA ARG A 159 14.52 -4.66 -14.89
C ARG A 159 14.11 -3.89 -13.64
N LEU A 160 14.82 -2.80 -13.36
CA LEU A 160 14.54 -2.02 -12.16
C LEU A 160 13.26 -1.21 -12.32
N TYR A 161 12.57 -1.00 -11.20
CA TYR A 161 11.30 -0.28 -11.20
C TYR A 161 11.15 0.55 -9.92
N SER B 5 -10.10 23.72 -11.83
CA SER B 5 -9.70 22.34 -12.08
C SER B 5 -9.63 21.54 -10.77
N ASP B 6 -8.92 22.09 -9.78
CA ASP B 6 -8.78 21.41 -8.49
C ASP B 6 -10.15 21.16 -7.86
N HIS B 7 -11.02 22.19 -7.87
CA HIS B 7 -12.35 22.05 -7.29
C HIS B 7 -13.16 20.97 -7.99
N LYS B 8 -13.10 20.93 -9.32
CA LYS B 8 -13.89 19.96 -10.08
C LYS B 8 -13.48 18.52 -9.74
N PHE B 9 -12.18 18.25 -9.75
CA PHE B 9 -11.72 16.88 -9.52
C PHE B 9 -11.83 16.46 -8.06
N LEU B 10 -11.63 17.39 -7.12
CA LEU B 10 -11.90 17.07 -5.72
C LEU B 10 -13.38 16.77 -5.51
N THR B 11 -14.25 17.53 -6.18
CA THR B 11 -15.69 17.25 -6.12
C THR B 11 -15.99 15.87 -6.69
N GLN B 12 -15.35 15.51 -7.79
CA GLN B 12 -15.54 14.17 -8.35
C GLN B 12 -15.12 13.09 -7.36
N ALA B 13 -14.01 13.32 -6.64
CA ALA B 13 -13.58 12.35 -5.64
C ALA B 13 -14.60 12.23 -4.50
N VAL B 14 -15.14 13.37 -4.05
CA VAL B 14 -16.15 13.35 -2.99
C VAL B 14 -17.39 12.59 -3.45
N GLU B 15 -17.82 12.83 -4.69
CA GLU B 15 -18.97 12.13 -5.24
C GLU B 15 -18.70 10.64 -5.35
N GLU B 16 -17.46 10.27 -5.70
CA GLU B 16 -17.10 8.86 -5.74
C GLU B 16 -17.19 8.23 -4.34
N ALA B 17 -16.75 8.97 -3.31
CA ALA B 17 -16.89 8.47 -1.95
C ALA B 17 -18.36 8.19 -1.61
N TYR B 18 -19.23 9.17 -1.89
CA TYR B 18 -20.66 8.99 -1.63
C TYR B 18 -21.22 7.80 -2.41
N LYS B 19 -20.87 7.68 -3.69
CA LYS B 19 -21.38 6.60 -4.53
C LYS B 19 -20.93 5.24 -4.02
N GLY B 20 -19.65 5.13 -3.65
CA GLY B 20 -19.14 3.86 -3.18
C GLY B 20 -19.76 3.42 -1.88
N VAL B 21 -19.95 4.36 -0.94
CA VAL B 21 -20.62 3.97 0.29
C VAL B 21 -22.11 3.73 0.07
N ASP B 22 -22.70 4.32 -0.99
CA ASP B 22 -24.11 4.10 -1.25
C ASP B 22 -24.37 2.73 -1.87
N CYS B 23 -23.48 2.26 -2.74
CA CYS B 23 -23.63 0.95 -3.34
C CYS B 23 -22.92 -0.15 -2.56
N GLY B 24 -22.39 0.16 -1.38
CA GLY B 24 -21.80 -0.85 -0.52
C GLY B 24 -20.46 -1.39 -0.94
N ASP B 25 -19.73 -0.66 -1.79
CA ASP B 25 -18.41 -1.13 -2.22
C ASP B 25 -17.38 -1.01 -1.11
N GLY B 26 -17.53 -0.01 -0.24
CA GLY B 26 -16.58 0.20 0.85
C GLY B 26 -16.88 1.45 1.64
N GLY B 27 -15.86 2.02 2.26
CA GLY B 27 -16.02 3.24 3.02
C GLY B 27 -16.16 4.46 2.13
N PRO B 28 -16.47 5.60 2.77
CA PRO B 28 -16.67 6.87 2.03
C PRO B 28 -15.35 7.53 1.67
N PHE B 29 -14.67 6.96 0.68
CA PHE B 29 -13.41 7.50 0.19
C PHE B 29 -13.39 7.43 -1.32
N GLY B 30 -12.91 8.50 -1.96
CA GLY B 30 -12.83 8.56 -3.40
C GLY B 30 -11.49 9.09 -3.84
N ALA B 31 -11.13 8.76 -5.09
CA ALA B 31 -9.86 9.16 -5.66
C ALA B 31 -9.99 9.27 -7.17
N VAL B 32 -9.47 10.36 -7.73
CA VAL B 32 -9.52 10.62 -9.17
C VAL B 32 -8.10 10.90 -9.65
N ILE B 33 -7.66 10.16 -10.66
CA ILE B 33 -6.35 10.35 -11.27
C ILE B 33 -6.54 11.03 -12.62
N VAL B 34 -5.80 12.11 -12.85
CA VAL B 34 -6.05 13.01 -13.96
C VAL B 34 -4.74 13.24 -14.72
N HIS B 35 -4.83 13.25 -16.05
CA HIS B 35 -3.67 13.47 -16.93
C HIS B 35 -3.96 14.69 -17.79
N ASN B 36 -3.41 15.84 -17.38
CA ASN B 36 -3.58 17.10 -18.10
C ASN B 36 -5.07 17.41 -18.33
N ASN B 37 -5.82 17.37 -17.24
CA ASN B 37 -7.27 17.61 -17.18
C ASN B 37 -8.09 16.52 -17.85
N GLU B 38 -7.49 15.40 -18.23
CA GLU B 38 -8.23 14.24 -18.69
C GLU B 38 -8.26 13.20 -17.58
N VAL B 39 -9.47 12.80 -17.19
CA VAL B 39 -9.64 11.84 -16.10
C VAL B 39 -9.19 10.46 -16.58
N VAL B 40 -8.13 9.94 -15.96
CA VAL B 40 -7.67 8.59 -16.29
C VAL B 40 -8.45 7.55 -15.50
N ALA B 41 -8.67 7.79 -14.22
CA ALA B 41 -9.38 6.85 -13.37
C ALA B 41 -10.19 7.61 -12.33
N SER B 42 -11.35 7.05 -11.98
CA SER B 42 -12.24 7.63 -10.98
C SER B 42 -12.81 6.46 -10.19
N CYS B 43 -12.33 6.28 -8.96
CA CYS B 43 -12.69 5.10 -8.18
C CYS B 43 -13.00 5.49 -6.74
N HIS B 44 -13.54 4.54 -5.99
CA HIS B 44 -13.78 4.66 -4.57
C HIS B 44 -13.24 3.43 -3.86
N ASN B 45 -13.38 3.42 -2.53
CA ASN B 45 -12.93 2.30 -1.73
C ASN B 45 -13.70 1.04 -2.11
N MET B 46 -12.98 -0.05 -2.36
CA MET B 46 -13.56 -1.31 -2.78
C MET B 46 -13.22 -2.44 -1.80
N VAL B 47 -12.94 -2.10 -0.55
CA VAL B 47 -12.49 -3.10 0.42
C VAL B 47 -13.55 -4.17 0.62
N LEU B 48 -14.82 -3.76 0.76
CA LEU B 48 -15.88 -4.72 1.01
C LEU B 48 -16.25 -5.49 -0.25
N LYS B 49 -16.31 -4.81 -1.39
CA LYS B 49 -16.68 -5.47 -2.64
C LYS B 49 -15.64 -6.49 -3.07
N TYR B 50 -14.36 -6.18 -2.87
CA TYR B 50 -13.28 -7.05 -3.34
C TYR B 50 -12.78 -8.01 -2.27
N THR B 51 -13.24 -7.89 -1.03
CA THR B 51 -12.66 -8.60 0.11
C THR B 51 -11.15 -8.43 0.13
N ASP B 52 -10.73 -7.17 0.02
CA ASP B 52 -9.33 -6.80 -0.10
C ASP B 52 -9.06 -5.56 0.76
N PRO B 53 -8.36 -5.71 1.89
CA PRO B 53 -8.09 -4.54 2.74
C PRO B 53 -7.16 -3.53 2.10
N THR B 54 -6.44 -3.91 1.04
CA THR B 54 -5.59 -2.97 0.32
C THR B 54 -6.34 -2.18 -0.74
N ALA B 55 -7.60 -2.51 -1.00
CA ALA B 55 -8.35 -1.88 -2.08
C ALA B 55 -8.93 -0.54 -1.66
N HIS B 56 -8.10 0.32 -1.07
CA HIS B 56 -8.51 1.69 -0.80
C HIS B 56 -8.76 2.42 -2.11
N ALA B 57 -9.40 3.58 -2.00
CA ALA B 57 -9.74 4.36 -3.21
C ALA B 57 -8.48 4.74 -3.99
N GLU B 58 -7.44 5.17 -3.29
CA GLU B 58 -6.22 5.62 -3.95
C GLU B 58 -5.50 4.47 -4.65
N VAL B 59 -5.39 3.32 -3.97
CA VAL B 59 -4.73 2.18 -4.58
C VAL B 59 -5.53 1.67 -5.77
N THR B 60 -6.86 1.64 -5.64
CA THR B 60 -7.70 1.22 -6.76
C THR B 60 -7.53 2.14 -7.96
N ALA B 61 -7.52 3.45 -7.71
CA ALA B 61 -7.33 4.41 -8.80
C ALA B 61 -5.97 4.23 -9.45
N ILE B 62 -4.93 3.99 -8.65
CA ILE B 62 -3.59 3.81 -9.21
C ILE B 62 -3.54 2.57 -10.08
N ARG B 63 -4.10 1.46 -9.60
CA ARG B 63 -4.13 0.23 -10.39
C ARG B 63 -4.85 0.46 -11.72
N GLU B 64 -6.04 1.06 -11.66
CA GLU B 64 -6.82 1.28 -12.88
C GLU B 64 -6.08 2.18 -13.86
N ALA B 65 -5.52 3.28 -13.36
CA ALA B 65 -4.83 4.22 -14.23
C ALA B 65 -3.58 3.58 -14.86
N CYS B 66 -2.85 2.80 -14.08
CA CYS B 66 -1.64 2.18 -14.60
C CYS B 66 -1.96 1.15 -15.68
N LYS B 67 -3.00 0.35 -15.47
CA LYS B 67 -3.34 -0.61 -16.51
C LYS B 67 -3.95 0.09 -17.73
N LYS B 68 -4.64 1.22 -17.52
CA LYS B 68 -5.20 1.96 -18.64
C LYS B 68 -4.11 2.59 -19.50
N LEU B 69 -3.07 3.11 -18.86
CA LEU B 69 -1.97 3.76 -19.58
C LEU B 69 -0.85 2.82 -19.95
N ASN B 70 -0.92 1.55 -19.55
CA ASN B 70 0.06 0.53 -19.92
C ASN B 70 1.46 0.89 -19.43
N LYS B 71 1.56 1.44 -18.23
CA LYS B 71 2.86 1.68 -17.64
C LYS B 71 2.73 1.83 -16.13
N ILE B 72 3.81 1.50 -15.42
CA ILE B 72 3.78 1.43 -13.96
C ILE B 72 4.10 2.76 -13.29
N GLU B 73 4.32 3.81 -14.06
CA GLU B 73 4.58 5.14 -13.52
C GLU B 73 3.54 6.12 -14.05
N LEU B 74 3.15 7.07 -13.20
CA LEU B 74 2.17 8.10 -13.54
C LEU B 74 2.75 9.49 -13.33
N SER B 75 4.01 9.69 -13.77
CA SER B 75 4.72 10.95 -13.52
C SER B 75 4.07 12.15 -14.21
N GLU B 76 3.18 11.93 -15.17
CA GLU B 76 2.47 13.01 -15.84
C GLU B 76 1.06 13.20 -15.32
N CYS B 77 0.66 12.44 -14.29
CA CYS B 77 -0.68 12.52 -13.74
C CYS B 77 -0.66 13.04 -12.31
N GLU B 78 -1.83 13.49 -11.87
CA GLU B 78 -2.05 13.94 -10.50
C GLU B 78 -3.22 13.17 -9.91
N ILE B 79 -3.24 13.05 -8.59
CA ILE B 79 -4.27 12.30 -7.88
C ILE B 79 -5.03 13.25 -6.96
N TYR B 80 -6.35 13.15 -6.98
CA TYR B 80 -7.23 13.89 -6.09
C TYR B 80 -7.90 12.90 -5.15
N ALA B 81 -7.70 13.08 -3.84
CA ALA B 81 -8.27 12.20 -2.84
C ALA B 81 -9.30 12.95 -2.01
N SER B 82 -10.44 12.31 -1.75
CA SER B 82 -11.46 12.97 -0.94
C SER B 82 -10.99 13.15 0.50
N CYS B 83 -10.14 12.24 1.00
CA CYS B 83 -9.61 12.32 2.34
C CYS B 83 -8.11 12.07 2.30
N GLU B 84 -7.42 12.54 3.33
CA GLU B 84 -5.97 12.43 3.42
C GLU B 84 -5.54 10.97 3.35
N PRO B 85 -4.66 10.60 2.41
CA PRO B 85 -4.32 9.19 2.23
C PRO B 85 -3.61 8.59 3.44
N CYS B 86 -3.85 7.30 3.65
CA CYS B 86 -3.26 6.59 4.76
C CYS B 86 -1.80 6.27 4.44
N PRO B 87 -1.04 5.74 5.41
CA PRO B 87 0.36 5.35 5.12
C PRO B 87 0.51 4.43 3.91
N MET B 88 -0.32 3.40 3.80
CA MET B 88 -0.23 2.48 2.66
C MET B 88 -0.48 3.22 1.35
N CYS B 89 -1.53 4.04 1.32
CA CYS B 89 -1.89 4.78 0.12
C CYS B 89 -0.87 5.84 -0.25
N PHE B 90 -0.28 6.51 0.74
CA PHE B 90 0.77 7.47 0.43
C PHE B 90 2.02 6.78 -0.09
N GLY B 91 2.35 5.60 0.46
CA GLY B 91 3.43 4.82 -0.11
C GLY B 91 3.15 4.40 -1.54
N ALA B 92 1.90 4.03 -1.82
CA ALA B 92 1.52 3.67 -3.19
C ALA B 92 1.59 4.87 -4.12
N ILE B 93 1.22 6.05 -3.62
CA ILE B 93 1.33 7.26 -4.42
C ILE B 93 2.79 7.57 -4.72
N HIS B 94 3.66 7.39 -3.73
CA HIS B 94 5.10 7.58 -3.94
C HIS B 94 5.62 6.60 -4.99
N LEU B 95 5.27 5.33 -4.86
CA LEU B 95 5.74 4.32 -5.81
C LEU B 95 5.20 4.57 -7.21
N SER B 96 3.98 5.10 -7.33
CA SER B 96 3.39 5.40 -8.63
C SER B 96 4.09 6.56 -9.33
N ARG B 97 4.93 7.32 -8.61
CA ARG B 97 5.59 8.52 -9.13
C ARG B 97 4.59 9.57 -9.60
N LEU B 98 3.36 9.54 -9.08
CA LEU B 98 2.42 10.62 -9.31
C LEU B 98 3.06 11.94 -8.92
N LYS B 99 2.82 12.98 -9.73
CA LYS B 99 3.55 14.23 -9.57
C LYS B 99 2.89 15.21 -8.62
N ARG B 100 1.60 15.02 -8.31
CA ARG B 100 0.90 15.97 -7.45
C ARG B 100 -0.26 15.26 -6.75
N LEU B 101 -0.49 15.63 -5.50
CA LEU B 101 -1.59 15.07 -4.70
C LEU B 101 -2.39 16.22 -4.11
N VAL B 102 -3.69 16.22 -4.37
CA VAL B 102 -4.63 17.16 -3.77
C VAL B 102 -5.66 16.35 -3.00
N TYR B 103 -5.78 16.63 -1.71
CA TYR B 103 -6.75 15.94 -0.88
C TYR B 103 -7.62 16.95 -0.15
N GLY B 104 -8.87 16.54 0.13
CA GLY B 104 -9.84 17.45 0.69
C GLY B 104 -9.86 17.51 2.21
N ALA B 105 -10.22 16.41 2.85
CA ALA B 105 -10.41 16.38 4.30
C ALA B 105 -9.16 15.86 4.99
N LYS B 106 -8.94 16.33 6.22
CA LYS B 106 -7.87 15.80 7.06
C LYS B 106 -8.28 14.46 7.65
N ALA B 107 -7.28 13.63 7.95
CA ALA B 107 -7.52 12.29 8.45
C ALA B 107 -8.30 12.29 9.76
N GLU B 108 -8.21 13.37 10.54
CA GLU B 108 -8.95 13.44 11.80
C GLU B 108 -10.45 13.42 11.56
N ALA B 109 -10.92 13.96 10.43
CA ALA B 109 -12.35 13.91 10.13
C ALA B 109 -12.83 12.47 9.97
N ALA B 110 -11.99 11.60 9.41
CA ALA B 110 -12.35 10.19 9.30
C ALA B 110 -12.19 9.47 10.63
N ILE B 111 -11.16 9.83 11.40
CA ILE B 111 -10.97 9.22 12.72
C ILE B 111 -12.12 9.57 13.65
N ALA B 112 -12.76 10.73 13.45
CA ALA B 112 -13.82 11.17 14.35
C ALA B 112 -15.02 10.23 14.33
N ILE B 113 -15.24 9.51 13.23
CA ILE B 113 -16.37 8.60 13.14
C ILE B 113 -15.97 7.15 13.47
N GLY B 114 -14.80 6.97 14.08
CA GLY B 114 -14.40 5.67 14.57
C GLY B 114 -13.35 4.95 13.73
N PHE B 115 -12.83 5.57 12.68
CA PHE B 115 -11.80 4.93 11.88
C PHE B 115 -10.48 4.88 12.63
N ASP B 116 -9.64 3.91 12.26
CA ASP B 116 -8.37 3.70 12.93
C ASP B 116 -7.49 4.94 12.83
N ASP B 117 -6.75 5.22 13.90
CA ASP B 117 -5.76 6.30 13.91
C ASP B 117 -4.54 5.84 13.13
N PHE B 118 -4.53 6.17 11.83
CA PHE B 118 -3.57 5.61 10.87
C PHE B 118 -3.16 6.74 9.92
N ILE B 119 -2.13 7.48 10.30
CA ILE B 119 -1.72 8.69 9.60
C ILE B 119 -0.32 8.51 9.03
N ALA B 120 -0.12 8.99 7.80
CA ALA B 120 1.15 8.82 7.11
C ALA B 120 2.16 9.85 7.57
N ASP B 121 3.27 9.39 8.15
CA ASP B 121 4.31 10.30 8.61
C ASP B 121 4.93 11.08 7.45
N ALA B 122 5.16 10.40 6.32
CA ALA B 122 5.80 11.08 5.19
C ALA B 122 4.93 12.18 4.61
N LEU B 123 3.62 12.06 4.72
CA LEU B 123 2.73 13.12 4.22
C LEU B 123 2.86 14.38 5.07
N ARG B 124 2.87 14.21 6.39
CA ARG B 124 2.97 15.33 7.32
C ARG B 124 4.40 15.72 7.63
N GLY B 125 5.38 15.07 7.02
CA GLY B 125 6.77 15.43 7.21
C GLY B 125 7.30 15.18 8.61
N THR B 126 6.94 14.04 9.21
CA THR B 126 7.33 13.72 10.58
C THR B 126 8.17 12.45 10.66
N GLY B 127 8.75 12.01 9.55
CA GLY B 127 9.51 10.79 9.52
C GLY B 127 11.01 11.00 9.61
N VAL B 128 11.70 9.97 10.07
CA VAL B 128 13.16 9.95 10.05
C VAL B 128 13.68 9.30 8.79
N TYR B 129 13.10 8.17 8.39
CA TYR B 129 13.58 7.41 7.24
C TYR B 129 12.82 7.76 5.96
N GLN B 130 11.50 7.83 6.03
CA GLN B 130 10.69 8.08 4.85
C GLN B 130 10.50 9.58 4.64
N LYS B 131 10.97 10.07 3.49
CA LYS B 131 10.78 11.46 3.10
C LYS B 131 9.92 11.50 1.84
N SER B 132 9.40 12.70 1.55
CA SER B 132 8.67 12.92 0.32
C SER B 132 8.98 14.30 -0.23
N SER B 133 9.21 14.37 -1.53
CA SER B 133 9.28 15.64 -2.25
C SER B 133 8.09 15.82 -3.19
N LEU B 134 7.06 14.99 -3.03
CA LEU B 134 5.86 15.10 -3.86
C LEU B 134 5.12 16.39 -3.54
N GLU B 135 4.62 17.05 -4.57
CA GLU B 135 3.80 18.24 -4.39
C GLU B 135 2.47 17.84 -3.75
N ILE B 136 2.20 18.38 -2.56
CA ILE B 136 1.03 18.04 -1.78
C ILE B 136 0.26 19.31 -1.47
N LYS B 137 -1.01 19.34 -1.85
CA LYS B 137 -1.89 20.48 -1.58
C LYS B 137 -3.09 20.00 -0.80
N LYS B 138 -3.30 20.57 0.38
CA LYS B 138 -4.52 20.37 1.15
C LYS B 138 -5.51 21.46 0.74
N ALA B 139 -6.66 21.05 0.23
CA ALA B 139 -7.65 22.01 -0.24
C ALA B 139 -8.18 22.84 0.93
N ASP B 140 -8.67 24.04 0.60
CA ASP B 140 -9.24 24.94 1.59
C ASP B 140 -10.60 25.43 1.12
N GLY B 141 -11.34 26.04 2.04
CA GLY B 141 -12.60 26.67 1.67
C GLY B 141 -13.67 25.67 1.27
N ASN B 142 -14.22 25.89 0.07
CA ASN B 142 -15.42 25.20 -0.42
C ASN B 142 -15.27 23.67 -0.42
N GLY B 143 -14.44 23.17 -1.33
CA GLY B 143 -14.25 21.74 -1.47
C GLY B 143 -13.78 21.09 -0.18
N ALA B 144 -12.95 21.81 0.59
CA ALA B 144 -12.48 21.27 1.87
C ALA B 144 -13.63 21.06 2.83
N ALA B 145 -14.51 22.05 2.98
CA ALA B 145 -15.66 21.90 3.86
C ALA B 145 -16.56 20.75 3.42
N ILE B 146 -16.85 20.70 2.11
CA ILE B 146 -17.71 19.63 1.60
C ILE B 146 -17.07 18.27 1.86
N ALA B 147 -15.76 18.16 1.65
CA ALA B 147 -15.07 16.88 1.86
C ALA B 147 -15.04 16.49 3.33
N GLU B 148 -14.92 17.47 4.22
CA GLU B 148 -14.90 17.14 5.65
C GLU B 148 -16.27 16.67 6.13
N GLN B 149 -17.35 17.19 5.53
CA GLN B 149 -18.68 16.78 5.96
C GLN B 149 -19.03 15.34 5.55
N VAL B 150 -18.22 14.72 4.69
CA VAL B 150 -18.56 13.42 4.12
C VAL B 150 -18.73 12.37 5.21
N PHE B 151 -17.89 12.40 6.24
CA PHE B 151 -17.90 11.31 7.21
C PHE B 151 -19.10 11.41 8.14
N GLN B 152 -19.46 12.63 8.54
CA GLN B 152 -20.69 12.79 9.30
C GLN B 152 -21.92 12.48 8.46
N ASN B 153 -21.84 12.65 7.14
CA ASN B 153 -22.99 12.35 6.29
C ASN B 153 -23.14 10.86 5.97
N THR B 154 -22.04 10.14 5.73
CA THR B 154 -22.08 8.77 5.22
C THR B 154 -22.09 7.74 6.35
N LYS B 155 -22.39 8.14 7.56
CA LYS B 155 -21.93 7.44 8.74
C LYS B 155 -22.89 6.33 9.17
N GLU B 156 -24.19 6.57 9.13
CA GLU B 156 -25.16 5.51 9.38
C GLU B 156 -25.33 4.59 8.18
N LYS B 157 -24.56 4.78 7.12
CA LYS B 157 -24.75 4.04 5.87
C LYS B 157 -23.77 2.89 5.69
N PHE B 158 -22.79 2.73 6.56
CA PHE B 158 -21.83 1.64 6.43
C PHE B 158 -21.32 1.25 7.81
N ARG B 159 -20.75 0.05 7.88
CA ARG B 159 -20.10 -0.45 9.08
C ARG B 159 -18.59 -0.31 8.93
N LEU B 160 -17.93 0.09 10.01
CA LEU B 160 -16.51 0.37 9.96
C LEU B 160 -15.71 -0.89 9.64
N TYR B 161 -14.52 -0.68 9.08
CA TYR B 161 -13.61 -1.77 8.75
C TYR B 161 -12.17 -1.36 9.07
#